data_1RFD
#
_entry.id   1RFD
#
_cell.length_a   74.916
_cell.length_b   74.916
_cell.length_c   151.268
_cell.angle_alpha   90.00
_cell.angle_beta   90.00
_cell.angle_gamma   120.00
#
_symmetry.space_group_name_H-M   'P 31 2 1'
#
loop_
_entity.id
_entity.type
_entity.pdbx_description
1 polymer 'Fab M82G2, Light Chain'
2 polymer 'Fab M82G2, Heavy Chain'
3 water water
#
loop_
_entity_poly.entity_id
_entity_poly.type
_entity_poly.pdbx_seq_one_letter_code
_entity_poly.pdbx_strand_id
1 'polypeptide(L)'
;DIVMTQAAPSVPVTPGESVSISCRSSKSLLHSNGYTYLHWFLQRPGQSPQLLIYRVSNLASGVPDRFSGSGSGTAFTLRF
SRVEAEDVGVYYCMQHLEYPFTFGSGTKLEIKRADAAPTVSIFPPSSEQLTSGGASVVCFLNNFYPQDITVSWKIDGAER
SSGVLNSWTDQDSSDSTYSMSSTLTLTKDEYERHSSYTCEATHKTSTSPITKSFNRGE
;
L
2 'polypeptide(L)'
;EVTLQESGGGLVQPGGSMKLSCAASGFTFSDAWVDWVRQSPGKGLEWVAEIRNKANNHATKYTESVKGRFTISRDDSKSS
VYLQMNSLRAEDTGIYYCTSVPQLGRGFAYWGQGTLVTVSAASTTPPSVYPLAPGSGGASTSGSMVTLGCLVKGYFPEPV
TVTWNSGALSSGVHTFPAVLQSDLYTLSSSVTVPSSTWPSQTVTCNVAHPASSTQVDKKIVPK
;
H
#
# COMPACT_ATOMS: atom_id res chain seq x y z
N ASP A 1 3.77 14.82 24.61
CA ASP A 1 4.11 14.57 23.17
C ASP A 1 3.72 15.77 22.34
N ILE A 2 4.54 16.13 21.38
CA ILE A 2 4.20 17.26 20.52
C ILE A 2 3.18 16.77 19.48
N VAL A 3 2.11 17.52 19.30
CA VAL A 3 1.09 17.13 18.35
C VAL A 3 1.32 17.85 17.03
N MET A 4 1.38 17.06 15.96
CA MET A 4 1.61 17.57 14.61
C MET A 4 0.29 17.47 13.90
N THR A 5 -0.21 18.61 13.44
CA THR A 5 -1.51 18.65 12.77
C THR A 5 -1.49 18.99 11.28
N GLN A 6 -2.09 18.12 10.48
CA GLN A 6 -2.22 18.43 9.06
C GLN A 6 -3.73 18.39 8.85
N ALA A 7 -4.33 19.58 8.94
CA ALA A 7 -5.77 19.76 8.84
C ALA A 7 -6.42 19.08 7.62
N ALA A 8 -5.94 19.38 6.42
CA ALA A 8 -6.50 18.78 5.21
C ALA A 8 -6.14 17.31 5.05
N PRO A 9 -7.15 16.43 4.95
CA PRO A 9 -6.76 15.02 4.78
C PRO A 9 -6.31 14.77 3.33
N SER A 10 -6.66 15.70 2.44
CA SER A 10 -6.28 15.58 1.03
C SER A 10 -6.48 16.94 0.34
N VAL A 11 -5.82 17.13 -0.80
CA VAL A 11 -5.98 18.38 -1.53
C VAL A 11 -6.00 18.06 -3.02
N PRO A 12 -7.08 18.49 -3.75
CA PRO A 12 -7.20 18.24 -5.19
C PRO A 12 -6.37 19.27 -5.97
N VAL A 13 -5.68 18.85 -7.01
CA VAL A 13 -4.87 19.83 -7.75
C VAL A 13 -4.75 19.40 -9.18
N THR A 14 -4.63 20.37 -10.06
CA THR A 14 -4.54 20.13 -11.49
C THR A 14 -3.08 20.11 -11.88
N PRO A 15 -2.67 19.14 -12.69
CA PRO A 15 -1.26 19.11 -13.08
C PRO A 15 -0.84 20.46 -13.73
N GLY A 16 0.31 20.98 -13.31
CA GLY A 16 0.79 22.23 -13.88
C GLY A 16 0.59 23.42 -12.98
N GLU A 17 -0.31 23.32 -12.02
CA GLU A 17 -0.54 24.47 -11.15
C GLU A 17 0.22 24.33 -9.83
N SER A 18 0.38 25.46 -9.15
CA SER A 18 1.06 25.52 -7.87
C SER A 18 0.10 25.16 -6.75
N VAL A 19 0.63 24.55 -5.71
CA VAL A 19 -0.20 24.18 -4.58
C VAL A 19 0.64 24.19 -3.33
N SER A 20 -0.02 24.33 -2.19
CA SER A 20 0.68 24.29 -0.92
C SER A 20 -0.10 23.45 0.10
N ILE A 21 0.64 22.80 0.99
CA ILE A 21 0.09 21.94 2.05
C ILE A 21 0.64 22.50 3.37
N SER A 22 -0.21 22.55 4.40
CA SER A 22 0.20 23.11 5.67
C SER A 22 0.30 22.12 6.80
N CYS A 23 1.05 22.51 7.81
CA CYS A 23 1.22 21.64 8.98
C CYS A 23 1.48 22.53 10.17
N ARG A 24 1.03 22.12 11.34
CA ARG A 24 1.30 22.92 12.52
C ARG A 24 1.69 22.02 13.68
N SER A 25 2.48 22.55 14.61
CA SER A 25 2.93 21.77 15.75
C SER A 25 2.30 22.40 16.99
N SER A 26 2.11 21.59 18.03
CA SER A 26 1.53 22.09 19.26
C SER A 26 2.58 22.87 20.06
N LYS A 27 3.83 22.83 19.60
CA LYS A 27 4.93 23.50 20.28
C LYS A 27 5.94 24.05 19.28
N SER A 28 6.67 25.11 19.63
CA SER A 28 7.67 25.67 18.72
C SER A 28 8.69 24.57 18.48
N LEU A 29 9.09 24.40 17.23
CA LEU A 29 10.05 23.34 16.94
C LEU A 29 11.49 23.87 16.87
N LEU A 30 11.70 25.09 17.38
CA LEU A 30 13.04 25.69 17.40
C LEU A 30 13.82 25.04 18.53
N HIS A 31 15.02 24.56 18.21
CA HIS A 31 15.89 23.91 19.18
C HIS A 31 16.82 24.97 19.78
N SER A 32 17.42 24.63 20.92
CA SER A 32 18.36 25.52 21.62
C SER A 32 19.48 25.97 20.70
N ASN A 33 19.94 25.07 19.83
CA ASN A 33 21.05 25.34 18.92
C ASN A 33 20.68 26.21 17.69
N GLY A 34 19.49 26.79 17.69
CA GLY A 34 19.11 27.63 16.57
C GLY A 34 18.43 26.96 15.36
N TYR A 35 18.38 25.63 15.33
CA TYR A 35 17.76 24.92 14.20
C TYR A 35 16.32 24.58 14.47
N THR A 36 15.52 24.53 13.41
CA THR A 36 14.10 24.19 13.53
C THR A 36 13.93 22.78 12.97
N TYR A 37 13.66 21.82 13.85
CA TYR A 37 13.57 20.44 13.41
C TYR A 37 12.22 19.97 12.94
N LEU A 38 11.86 20.36 11.70
CA LEU A 38 10.60 19.97 11.08
C LEU A 38 10.97 19.43 9.69
N HIS A 39 10.51 18.22 9.38
CA HIS A 39 10.81 17.62 8.08
C HIS A 39 9.53 17.19 7.37
N TRP A 40 9.61 17.08 6.04
CA TRP A 40 8.48 16.67 5.21
C TRP A 40 8.85 15.38 4.49
N PHE A 41 7.92 14.43 4.46
CA PHE A 41 8.17 13.17 3.80
C PHE A 41 7.07 12.90 2.77
N LEU A 42 7.41 12.10 1.77
CA LEU A 42 6.47 11.69 0.75
C LEU A 42 6.33 10.17 0.85
N GLN A 43 5.09 9.67 0.81
CA GLN A 43 4.91 8.22 0.75
C GLN A 43 4.04 7.93 -0.45
N ARG A 44 4.65 7.44 -1.52
CA ARG A 44 3.91 7.10 -2.72
C ARG A 44 3.16 5.81 -2.42
N PRO A 45 2.10 5.54 -3.19
CA PRO A 45 1.31 4.33 -2.98
C PRO A 45 2.14 3.05 -2.92
N GLY A 46 1.99 2.33 -1.81
CA GLY A 46 2.69 1.07 -1.62
C GLY A 46 4.19 1.09 -1.50
N GLN A 47 4.78 2.25 -1.23
CA GLN A 47 6.24 2.33 -1.08
C GLN A 47 6.54 2.84 0.32
N SER A 48 7.81 2.84 0.66
CA SER A 48 8.17 3.35 1.98
C SER A 48 8.25 4.89 1.90
N PRO A 49 8.18 5.55 3.05
CA PRO A 49 8.27 7.01 3.06
C PRO A 49 9.66 7.42 2.52
N GLN A 50 9.79 8.64 2.02
CA GLN A 50 11.09 9.15 1.58
C GLN A 50 11.16 10.62 1.94
N LEU A 51 12.35 11.03 2.40
CA LEU A 51 12.60 12.40 2.80
C LEU A 51 12.51 13.38 1.62
N LEU A 52 11.83 14.50 1.82
CA LEU A 52 11.67 15.54 0.78
C LEU A 52 12.39 16.81 1.24
N ILE A 53 12.09 17.27 2.45
CA ILE A 53 12.70 18.50 2.95
C ILE A 53 13.08 18.31 4.40
N TYR A 54 14.31 18.67 4.77
CA TYR A 54 14.69 18.58 6.17
C TYR A 54 14.85 20.02 6.69
N ARG A 55 14.59 20.19 7.97
CA ARG A 55 14.69 21.50 8.61
C ARG A 55 14.00 22.63 7.89
N VAL A 56 12.69 22.45 7.67
CA VAL A 56 11.84 23.46 7.08
C VAL A 56 12.00 23.80 5.61
N SER A 57 13.22 23.99 5.14
CA SER A 57 13.37 24.41 3.74
C SER A 57 14.53 23.85 2.94
N ASN A 58 15.19 22.82 3.44
CA ASN A 58 16.31 22.23 2.69
C ASN A 58 15.85 21.01 1.92
N LEU A 59 15.92 21.04 0.60
CA LEU A 59 15.55 19.89 -0.21
C LEU A 59 16.59 18.74 -0.10
N ALA A 60 16.12 17.51 0.11
CA ALA A 60 17.05 16.38 0.18
C ALA A 60 17.57 16.08 -1.25
N SER A 61 18.63 15.28 -1.37
CA SER A 61 19.15 15.01 -2.71
C SER A 61 18.17 14.14 -3.50
N GLY A 62 18.11 14.42 -4.80
CA GLY A 62 17.24 13.67 -5.68
C GLY A 62 15.82 14.20 -5.66
N VAL A 63 15.51 15.11 -4.74
CA VAL A 63 14.15 15.66 -4.69
C VAL A 63 14.05 16.76 -5.75
N PRO A 64 13.00 16.71 -6.61
CA PRO A 64 12.76 17.68 -7.69
C PRO A 64 12.72 19.11 -7.21
N ASP A 65 13.19 20.01 -8.07
CA ASP A 65 13.23 21.45 -7.79
C ASP A 65 11.87 22.07 -7.48
N ARG A 66 10.79 21.46 -7.98
CA ARG A 66 9.45 22.02 -7.77
C ARG A 66 8.98 22.06 -6.32
N PHE A 67 9.67 21.34 -5.44
CA PHE A 67 9.31 21.36 -4.02
C PHE A 67 10.04 22.49 -3.29
N SER A 68 9.38 23.10 -2.30
CA SER A 68 10.00 24.12 -1.47
C SER A 68 9.29 24.10 -0.14
N GLY A 69 9.92 24.67 0.90
CA GLY A 69 9.26 24.69 2.18
C GLY A 69 9.54 26.00 2.89
N SER A 70 8.65 26.40 3.79
CA SER A 70 8.77 27.64 4.57
C SER A 70 8.09 27.46 5.93
N GLY A 71 8.22 28.47 6.79
CA GLY A 71 7.58 28.41 8.10
C GLY A 71 8.51 28.63 9.28
N SER A 72 7.94 28.84 10.47
CA SER A 72 8.73 29.05 11.67
C SER A 72 7.91 28.72 12.91
N GLY A 73 8.62 28.35 13.97
CA GLY A 73 7.94 28.04 15.22
C GLY A 73 6.88 26.95 15.12
N THR A 74 5.62 27.33 14.90
CA THR A 74 4.57 26.32 14.87
C THR A 74 3.75 26.17 13.59
N ALA A 75 4.06 26.92 12.53
CA ALA A 75 3.29 26.77 11.30
C ALA A 75 4.23 26.58 10.11
N PHE A 76 3.96 25.55 9.31
CA PHE A 76 4.81 25.25 8.17
C PHE A 76 4.06 24.98 6.88
N THR A 77 4.73 25.24 5.77
CA THR A 77 4.11 25.02 4.46
C THR A 77 5.03 24.29 3.48
N LEU A 78 4.47 23.31 2.78
CA LEU A 78 5.18 22.58 1.73
C LEU A 78 4.51 23.09 0.46
N ARG A 79 5.29 23.52 -0.51
CA ARG A 79 4.74 24.01 -1.75
C ARG A 79 5.27 23.31 -2.98
N PHE A 80 4.39 23.17 -3.97
CA PHE A 80 4.74 22.61 -5.27
C PHE A 80 4.62 23.81 -6.23
N SER A 81 5.65 24.08 -7.02
CA SER A 81 5.59 25.20 -7.97
C SER A 81 4.74 24.81 -9.19
N ARG A 82 4.84 23.55 -9.58
CA ARG A 82 4.07 22.97 -10.70
C ARG A 82 3.87 21.52 -10.31
N VAL A 83 2.63 21.11 -10.06
CA VAL A 83 2.38 19.72 -9.66
C VAL A 83 2.34 18.83 -10.90
N GLU A 84 2.79 17.58 -10.75
CA GLU A 84 2.78 16.59 -11.84
C GLU A 84 1.90 15.41 -11.42
N ALA A 85 1.32 14.71 -12.40
CA ALA A 85 0.46 13.57 -12.12
C ALA A 85 1.21 12.59 -11.23
N GLU A 86 2.52 12.46 -11.45
CA GLU A 86 3.38 11.53 -10.68
C GLU A 86 3.47 11.89 -9.20
N ASP A 87 3.04 13.09 -8.82
CA ASP A 87 3.11 13.49 -7.41
C ASP A 87 2.07 12.84 -6.49
N VAL A 88 1.21 11.95 -7.03
CA VAL A 88 0.19 11.28 -6.21
C VAL A 88 0.85 10.60 -5.03
N GLY A 89 0.29 10.79 -3.84
CA GLY A 89 0.87 10.17 -2.67
C GLY A 89 0.42 10.93 -1.44
N VAL A 90 0.92 10.49 -0.28
CA VAL A 90 0.58 11.13 1.00
C VAL A 90 1.82 11.87 1.49
N TYR A 91 1.64 13.13 1.80
CA TYR A 91 2.73 13.98 2.27
C TYR A 91 2.62 14.18 3.79
N TYR A 92 3.71 13.88 4.51
CA TYR A 92 3.73 14.01 5.97
C TYR A 92 4.70 15.02 6.53
N CYS A 93 4.30 15.72 7.59
CA CYS A 93 5.30 16.57 8.24
C CYS A 93 5.66 15.78 9.50
N MET A 94 6.83 16.04 10.08
CA MET A 94 7.26 15.31 11.25
C MET A 94 8.12 16.22 12.12
N GLN A 95 8.00 16.14 13.44
CA GLN A 95 8.85 16.96 14.31
C GLN A 95 9.93 16.03 14.79
N HIS A 96 11.17 16.52 14.73
CA HIS A 96 12.34 15.76 15.10
C HIS A 96 13.06 16.55 16.21
N LEU A 97 12.27 17.21 17.07
CA LEU A 97 12.83 18.01 18.16
C LEU A 97 12.86 17.23 19.47
N GLU A 98 11.76 16.58 19.85
CA GLU A 98 11.75 15.86 21.12
C GLU A 98 11.24 14.44 21.03
N TYR A 99 11.66 13.60 21.96
CA TYR A 99 11.16 12.24 22.00
C TYR A 99 9.80 12.30 22.69
N PRO A 100 8.81 11.55 22.19
CA PRO A 100 8.92 10.69 21.02
C PRO A 100 8.72 11.52 19.75
N PHE A 101 9.46 11.22 18.69
CA PHE A 101 9.32 11.92 17.42
C PHE A 101 7.88 11.66 16.97
N THR A 102 7.25 12.65 16.38
CA THR A 102 5.85 12.49 15.96
C THR A 102 5.59 13.05 14.58
N PHE A 103 4.66 12.40 13.90
CA PHE A 103 4.27 12.73 12.55
C PHE A 103 2.88 13.30 12.48
N GLY A 104 2.65 14.12 11.46
CA GLY A 104 1.30 14.64 11.26
C GLY A 104 0.50 13.48 10.67
N SER A 105 -0.81 13.63 10.52
CA SER A 105 -1.60 12.53 9.98
C SER A 105 -1.50 12.43 8.45
N GLY A 106 -0.87 13.41 7.82
CA GLY A 106 -0.70 13.35 6.37
C GLY A 106 -1.77 14.03 5.55
N THR A 107 -1.39 14.44 4.34
CA THR A 107 -2.29 15.08 3.40
C THR A 107 -2.04 14.42 2.06
N LYS A 108 -3.07 13.76 1.56
CA LYS A 108 -2.98 13.06 0.29
C LYS A 108 -3.23 14.07 -0.84
N LEU A 109 -2.34 14.06 -1.82
CA LEU A 109 -2.46 14.94 -2.95
C LEU A 109 -3.24 14.16 -4.01
N GLU A 110 -4.37 14.71 -4.42
CA GLU A 110 -5.22 14.09 -5.42
C GLU A 110 -5.16 14.89 -6.71
N ILE A 111 -4.90 14.19 -7.81
CA ILE A 111 -4.76 14.82 -9.10
C ILE A 111 -6.12 14.89 -9.77
N LYS A 112 -6.48 16.10 -10.19
CA LYS A 112 -7.73 16.37 -10.89
C LYS A 112 -7.51 16.13 -12.38
N ARG A 113 -8.48 15.50 -13.04
CA ARG A 113 -8.35 15.23 -14.48
C ARG A 113 -9.77 15.14 -15.02
N ALA A 114 -9.91 14.87 -16.32
CA ALA A 114 -11.24 14.76 -16.95
C ALA A 114 -12.00 13.54 -16.46
N ASP A 115 -13.33 13.63 -16.39
CA ASP A 115 -14.12 12.49 -15.99
C ASP A 115 -13.79 11.30 -16.90
N ALA A 116 -13.92 10.09 -16.39
CA ALA A 116 -13.66 8.90 -17.20
C ALA A 116 -14.56 7.80 -16.64
N ALA A 117 -15.40 7.23 -17.51
CA ALA A 117 -16.33 6.16 -17.12
C ALA A 117 -15.52 4.90 -16.88
N PRO A 118 -15.98 4.08 -15.95
CA PRO A 118 -15.20 2.86 -15.71
C PRO A 118 -15.46 1.84 -16.79
N THR A 119 -14.46 0.99 -16.99
CA THR A 119 -14.52 -0.13 -17.92
C THR A 119 -14.94 -1.23 -16.95
N VAL A 120 -16.15 -1.76 -17.14
CA VAL A 120 -16.63 -2.77 -16.24
C VAL A 120 -16.52 -4.16 -16.89
N SER A 121 -15.93 -5.12 -16.17
CA SER A 121 -15.79 -6.48 -16.67
C SER A 121 -16.28 -7.40 -15.58
N ILE A 122 -17.13 -8.36 -15.94
CA ILE A 122 -17.63 -9.31 -14.95
C ILE A 122 -17.07 -10.70 -15.29
N PHE A 123 -16.76 -11.51 -14.27
CA PHE A 123 -16.21 -12.86 -14.49
C PHE A 123 -16.90 -13.96 -13.74
N PRO A 124 -17.48 -14.92 -14.47
CA PRO A 124 -18.18 -16.05 -13.82
C PRO A 124 -17.12 -16.85 -13.07
N PRO A 125 -17.53 -17.64 -12.07
CA PRO A 125 -16.58 -18.44 -11.30
C PRO A 125 -15.76 -19.28 -12.29
N SER A 126 -14.46 -19.43 -12.03
CA SER A 126 -13.65 -20.25 -12.93
C SER A 126 -13.98 -21.71 -12.70
N SER A 127 -13.83 -22.53 -13.74
CA SER A 127 -14.14 -23.95 -13.61
C SER A 127 -13.35 -24.59 -12.49
N GLU A 128 -12.12 -24.15 -12.36
CA GLU A 128 -11.23 -24.66 -11.35
C GLU A 128 -11.81 -24.36 -9.96
N GLN A 129 -12.39 -23.17 -9.78
CA GLN A 129 -12.95 -22.87 -8.48
C GLN A 129 -14.22 -23.68 -8.18
N LEU A 130 -15.03 -23.92 -9.20
CA LEU A 130 -16.27 -24.68 -9.02
C LEU A 130 -16.05 -26.14 -8.61
N THR A 131 -15.01 -26.77 -9.14
CA THR A 131 -14.74 -28.15 -8.83
C THR A 131 -14.30 -28.22 -7.37
N SER A 132 -13.83 -27.10 -6.84
CA SER A 132 -13.38 -27.01 -5.45
C SER A 132 -14.50 -26.55 -4.50
N GLY A 133 -15.73 -26.45 -5.03
CA GLY A 133 -16.85 -26.05 -4.18
C GLY A 133 -17.05 -24.58 -3.89
N GLY A 134 -16.33 -23.71 -4.62
CA GLY A 134 -16.47 -22.28 -4.40
C GLY A 134 -17.03 -21.59 -5.63
N ALA A 135 -17.55 -20.39 -5.45
CA ALA A 135 -18.11 -19.67 -6.57
C ALA A 135 -18.07 -18.16 -6.38
N SER A 136 -16.88 -17.58 -6.56
CA SER A 136 -16.72 -16.14 -6.45
C SER A 136 -16.92 -15.52 -7.82
N VAL A 137 -17.78 -14.52 -7.88
CA VAL A 137 -18.06 -13.83 -9.13
C VAL A 137 -17.29 -12.52 -8.94
N VAL A 138 -16.45 -12.20 -9.91
CA VAL A 138 -15.62 -11.01 -9.81
C VAL A 138 -16.02 -9.92 -10.79
N CYS A 139 -15.97 -8.69 -10.32
CA CYS A 139 -16.27 -7.55 -11.14
C CYS A 139 -15.17 -6.51 -11.02
N PHE A 140 -14.58 -6.10 -12.13
CA PHE A 140 -13.54 -5.05 -12.09
C PHE A 140 -14.17 -3.79 -12.69
N LEU A 141 -13.97 -2.66 -12.02
CA LEU A 141 -14.48 -1.37 -12.51
C LEU A 141 -13.18 -0.60 -12.61
N ASN A 142 -12.63 -0.56 -13.81
CA ASN A 142 -11.31 0.04 -14.00
C ASN A 142 -11.15 1.39 -14.66
N ASN A 143 -10.10 2.08 -14.22
CA ASN A 143 -9.68 3.36 -14.77
C ASN A 143 -10.76 4.44 -14.93
N PHE A 144 -11.41 4.80 -13.83
CA PHE A 144 -12.44 5.81 -13.85
C PHE A 144 -12.01 7.05 -13.06
N TYR A 145 -12.77 8.12 -13.22
CA TYR A 145 -12.52 9.36 -12.49
C TYR A 145 -13.83 10.15 -12.60
N PRO A 146 -14.29 10.77 -11.51
CA PRO A 146 -13.72 10.85 -10.15
C PRO A 146 -13.70 9.54 -9.36
N GLN A 147 -13.05 9.59 -8.19
CA GLN A 147 -12.83 8.40 -7.37
C GLN A 147 -14.01 7.67 -6.76
N ASP A 148 -15.14 8.34 -6.56
CA ASP A 148 -16.28 7.64 -5.99
C ASP A 148 -17.13 6.88 -6.99
N ILE A 149 -17.51 5.68 -6.58
CA ILE A 149 -18.32 4.81 -7.41
C ILE A 149 -19.09 3.89 -6.47
N THR A 150 -20.24 3.42 -6.89
CA THR A 150 -21.03 2.50 -6.06
C THR A 150 -21.28 1.22 -6.84
N VAL A 151 -21.18 0.09 -6.17
CA VAL A 151 -21.39 -1.19 -6.81
C VAL A 151 -22.49 -1.98 -6.12
N SER A 152 -23.45 -2.44 -6.91
CA SER A 152 -24.53 -3.24 -6.35
C SER A 152 -24.59 -4.56 -7.09
N TRP A 153 -24.71 -5.65 -6.33
CA TRP A 153 -24.79 -6.99 -6.91
C TRP A 153 -26.25 -7.45 -6.95
N LYS A 154 -26.64 -8.04 -8.07
CA LYS A 154 -27.99 -8.55 -8.25
C LYS A 154 -28.00 -10.01 -8.73
N ILE A 155 -28.59 -10.87 -7.92
CA ILE A 155 -28.73 -12.30 -8.23
C ILE A 155 -30.19 -12.56 -8.62
N ASP A 156 -30.47 -12.61 -9.92
CA ASP A 156 -31.83 -12.80 -10.42
C ASP A 156 -32.66 -11.60 -9.98
N GLY A 157 -32.15 -10.40 -10.22
CA GLY A 157 -32.86 -9.19 -9.84
C GLY A 157 -32.72 -8.76 -8.40
N ALA A 158 -32.77 -9.70 -7.46
CA ALA A 158 -32.66 -9.36 -6.03
C ALA A 158 -31.23 -8.98 -5.65
N GLU A 159 -31.12 -7.84 -4.98
CA GLU A 159 -29.84 -7.32 -4.53
C GLU A 159 -29.21 -8.15 -3.41
N ARG A 160 -27.89 -8.30 -3.46
CA ARG A 160 -27.15 -9.06 -2.46
C ARG A 160 -26.13 -8.10 -1.83
N SER A 161 -25.91 -8.18 -0.52
CA SER A 161 -24.96 -7.30 0.14
C SER A 161 -23.95 -8.05 1.00
N SER A 162 -24.36 -9.17 1.57
CA SER A 162 -23.47 -9.99 2.41
C SER A 162 -22.56 -10.80 1.48
N GLY A 163 -21.34 -11.06 1.95
CA GLY A 163 -20.41 -11.81 1.13
C GLY A 163 -19.82 -11.02 -0.03
N VAL A 164 -19.80 -9.69 0.09
CA VAL A 164 -19.22 -8.89 -0.97
C VAL A 164 -17.90 -8.33 -0.44
N LEU A 165 -16.82 -8.58 -1.17
CA LEU A 165 -15.51 -8.08 -0.76
C LEU A 165 -15.13 -6.98 -1.76
N ASN A 166 -14.84 -5.79 -1.24
CA ASN A 166 -14.50 -4.65 -2.09
C ASN A 166 -13.10 -4.13 -1.82
N SER A 167 -12.40 -3.79 -2.90
CA SER A 167 -11.03 -3.29 -2.84
C SER A 167 -10.84 -2.16 -3.87
N TRP A 168 -10.06 -1.14 -3.50
CA TRP A 168 -9.84 0.02 -4.35
C TRP A 168 -8.35 0.33 -4.45
N THR A 169 -7.90 0.68 -5.65
CA THR A 169 -6.50 1.04 -5.81
C THR A 169 -6.34 2.52 -5.44
N ASP A 170 -5.11 2.96 -5.23
CA ASP A 170 -4.84 4.37 -4.98
C ASP A 170 -4.83 5.02 -6.35
N GLN A 171 -4.81 6.34 -6.42
CA GLN A 171 -4.82 7.02 -7.72
C GLN A 171 -3.59 6.67 -8.57
N ASP A 172 -3.83 6.34 -9.84
CA ASP A 172 -2.74 5.97 -10.73
C ASP A 172 -1.78 7.14 -10.95
N SER A 173 -0.48 6.88 -10.88
CA SER A 173 0.52 7.93 -11.02
C SER A 173 0.79 8.40 -12.46
N SER A 174 0.29 7.68 -13.45
CA SER A 174 0.46 8.03 -14.85
C SER A 174 -0.81 8.65 -15.44
N ASP A 175 -1.96 8.03 -15.24
CA ASP A 175 -3.19 8.59 -15.80
C ASP A 175 -4.19 9.16 -14.81
N SER A 176 -3.85 9.16 -13.52
CA SER A 176 -4.69 9.72 -12.47
C SER A 176 -6.09 9.12 -12.33
N THR A 177 -6.27 7.89 -12.80
CA THR A 177 -7.59 7.26 -12.63
C THR A 177 -7.60 6.39 -11.39
N TYR A 178 -8.79 5.86 -11.09
CA TYR A 178 -8.99 4.97 -9.95
C TYR A 178 -9.56 3.67 -10.48
N SER A 179 -9.39 2.60 -9.72
CA SER A 179 -9.92 1.29 -10.12
C SER A 179 -10.46 0.59 -8.89
N MET A 180 -11.43 -0.29 -9.07
CA MET A 180 -12.02 -1.03 -7.96
C MET A 180 -12.33 -2.48 -8.32
N SER A 181 -12.22 -3.35 -7.32
CA SER A 181 -12.52 -4.77 -7.48
C SER A 181 -13.67 -5.13 -6.55
N SER A 182 -14.65 -5.84 -7.05
CA SER A 182 -15.74 -6.26 -6.18
C SER A 182 -15.98 -7.74 -6.42
N THR A 183 -15.87 -8.52 -5.36
CA THR A 183 -16.07 -9.96 -5.48
C THR A 183 -17.25 -10.43 -4.65
N LEU A 184 -18.20 -11.09 -5.31
CA LEU A 184 -19.36 -11.65 -4.63
C LEU A 184 -19.00 -13.10 -4.31
N THR A 185 -18.91 -13.48 -3.03
CA THR A 185 -18.54 -14.86 -2.72
C THR A 185 -19.73 -15.70 -2.29
N LEU A 186 -19.90 -16.83 -2.98
CA LEU A 186 -20.99 -17.77 -2.72
C LEU A 186 -20.43 -19.20 -2.60
N THR A 187 -21.25 -20.13 -2.13
CA THR A 187 -20.81 -21.53 -2.07
C THR A 187 -21.22 -22.00 -3.46
N LYS A 188 -20.64 -23.09 -3.96
CA LYS A 188 -21.03 -23.56 -5.28
C LYS A 188 -22.54 -23.87 -5.30
N ASP A 189 -23.02 -24.46 -4.20
CA ASP A 189 -24.45 -24.78 -4.08
C ASP A 189 -25.33 -23.54 -4.23
N GLU A 190 -25.06 -22.51 -3.42
CA GLU A 190 -25.82 -21.26 -3.52
C GLU A 190 -25.82 -20.82 -4.98
N TYR A 191 -24.63 -20.83 -5.59
CA TYR A 191 -24.46 -20.40 -6.97
C TYR A 191 -25.39 -21.07 -7.95
N GLU A 192 -25.62 -22.37 -7.79
CA GLU A 192 -26.47 -23.08 -8.73
C GLU A 192 -27.98 -23.03 -8.53
N ARG A 193 -28.44 -22.26 -7.55
CA ARG A 193 -29.86 -22.10 -7.27
C ARG A 193 -30.42 -20.95 -8.10
N HIS A 194 -29.53 -20.12 -8.63
CA HIS A 194 -29.92 -18.94 -9.40
C HIS A 194 -29.32 -18.94 -10.80
N SER A 195 -29.68 -17.96 -11.61
CA SER A 195 -29.17 -17.94 -12.97
C SER A 195 -28.57 -16.61 -13.47
N SER A 196 -29.15 -15.49 -13.09
CA SER A 196 -28.60 -14.23 -13.55
C SER A 196 -27.76 -13.49 -12.52
N TYR A 197 -26.52 -13.20 -12.88
CA TYR A 197 -25.60 -12.48 -12.00
C TYR A 197 -25.27 -11.15 -12.61
N THR A 198 -25.48 -10.10 -11.83
CA THR A 198 -25.28 -8.75 -12.30
C THR A 198 -24.40 -7.83 -11.46
N CYS A 199 -23.49 -7.16 -12.14
CA CYS A 199 -22.60 -6.21 -11.49
C CYS A 199 -23.09 -4.84 -11.95
N GLU A 200 -23.64 -4.08 -11.03
CA GLU A 200 -24.19 -2.78 -11.35
C GLU A 200 -23.37 -1.65 -10.73
N ALA A 201 -22.89 -0.77 -11.58
CA ALA A 201 -22.08 0.34 -11.14
C ALA A 201 -22.70 1.71 -11.39
N THR A 202 -22.74 2.54 -10.34
CA THR A 202 -23.24 3.90 -10.48
C THR A 202 -22.04 4.83 -10.33
N HIS A 203 -21.86 5.70 -11.31
CA HIS A 203 -20.72 6.62 -11.28
C HIS A 203 -21.25 7.94 -11.84
N LYS A 204 -20.63 9.03 -11.46
CA LYS A 204 -21.10 10.33 -11.95
C LYS A 204 -21.16 10.41 -13.48
N THR A 205 -20.27 9.68 -14.16
CA THR A 205 -20.25 9.72 -15.63
C THR A 205 -21.50 9.19 -16.33
N SER A 206 -22.34 8.46 -15.61
CA SER A 206 -23.55 7.93 -16.22
C SER A 206 -24.79 8.24 -15.43
N THR A 207 -25.83 8.67 -16.14
CA THR A 207 -27.10 8.95 -15.50
C THR A 207 -27.65 7.61 -15.01
N SER A 208 -27.53 6.60 -15.87
CA SER A 208 -28.01 5.26 -15.52
C SER A 208 -26.87 4.32 -15.10
N PRO A 209 -27.19 3.27 -14.34
CA PRO A 209 -26.17 2.33 -13.88
C PRO A 209 -25.50 1.63 -15.06
N ILE A 210 -24.21 1.31 -14.93
CA ILE A 210 -23.47 0.59 -15.96
C ILE A 210 -23.65 -0.87 -15.54
N THR A 211 -24.40 -1.62 -16.34
CA THR A 211 -24.68 -3.01 -16.04
C THR A 211 -23.89 -4.04 -16.86
N LYS A 212 -23.39 -5.05 -16.17
CA LYS A 212 -22.66 -6.15 -16.80
C LYS A 212 -23.21 -7.36 -16.09
N SER A 213 -23.58 -8.37 -16.87
CA SER A 213 -24.14 -9.58 -16.29
C SER A 213 -23.91 -10.77 -17.21
N PHE A 214 -24.20 -11.96 -16.68
CA PHE A 214 -24.05 -13.19 -17.43
C PHE A 214 -24.99 -14.19 -16.82
N ASN A 215 -25.21 -15.32 -17.48
CA ASN A 215 -26.09 -16.34 -16.96
C ASN A 215 -25.39 -17.65 -16.65
N ARG A 216 -25.60 -18.16 -15.44
CA ARG A 216 -24.98 -19.40 -15.00
C ARG A 216 -25.20 -20.53 -15.99
N GLY A 217 -26.41 -20.57 -16.55
CA GLY A 217 -26.74 -21.61 -17.51
C GLY A 217 -26.38 -21.26 -18.94
N GLU A 218 -25.15 -20.79 -19.15
CA GLU A 218 -24.68 -20.43 -20.49
C GLU A 218 -23.16 -20.40 -20.65
N GLU B 1 25.78 4.18 -3.65
CA GLU B 1 24.42 3.57 -3.52
C GLU B 1 24.05 3.31 -2.05
N VAL B 2 23.19 4.15 -1.50
CA VAL B 2 22.74 4.01 -0.11
C VAL B 2 21.57 3.04 0.04
N THR B 3 21.71 2.03 0.91
CA THR B 3 20.60 1.12 1.14
C THR B 3 20.44 0.66 2.61
N LEU B 4 19.20 0.33 2.94
CA LEU B 4 18.80 -0.13 4.25
C LEU B 4 17.88 -1.27 3.87
N GLN B 5 18.08 -2.44 4.46
CA GLN B 5 17.27 -3.57 4.08
C GLN B 5 16.77 -4.29 5.34
N GLU B 6 15.46 -4.27 5.57
CA GLU B 6 14.92 -4.93 6.76
C GLU B 6 14.65 -6.39 6.43
N SER B 7 14.66 -7.24 7.46
CA SER B 7 14.33 -8.65 7.29
C SER B 7 13.92 -9.16 8.66
N GLY B 8 13.31 -10.35 8.69
CA GLY B 8 12.88 -10.95 9.95
C GLY B 8 11.41 -10.74 10.32
N GLY B 9 10.65 -10.05 9.48
CA GLY B 9 9.26 -9.83 9.82
C GLY B 9 8.40 -11.04 9.49
N GLY B 10 7.10 -10.83 9.43
CA GLY B 10 6.23 -11.94 9.15
C GLY B 10 5.21 -12.18 10.25
N LEU B 11 4.58 -13.35 10.19
CA LEU B 11 3.56 -13.75 11.13
C LEU B 11 4.21 -14.12 12.46
N VAL B 12 3.66 -13.59 13.55
CA VAL B 12 4.19 -13.91 14.87
C VAL B 12 3.04 -14.03 15.88
N GLN B 13 3.19 -14.98 16.79
CA GLN B 13 2.20 -15.27 17.82
C GLN B 13 2.01 -14.17 18.88
N PRO B 14 0.76 -13.80 19.22
CA PRO B 14 0.60 -12.76 20.25
C PRO B 14 1.32 -13.29 21.49
N GLY B 15 2.03 -12.42 22.18
CA GLY B 15 2.77 -12.85 23.36
C GLY B 15 4.08 -13.50 22.97
N GLY B 16 4.29 -13.70 21.67
CA GLY B 16 5.54 -14.31 21.23
C GLY B 16 6.67 -13.31 21.07
N SER B 17 7.73 -13.73 20.38
CA SER B 17 8.84 -12.82 20.20
C SER B 17 9.35 -12.90 18.77
N MET B 18 9.94 -11.80 18.31
CA MET B 18 10.45 -11.73 16.93
C MET B 18 11.55 -10.66 16.84
N LYS B 19 12.61 -10.94 16.09
CA LYS B 19 13.68 -9.98 15.98
C LYS B 19 13.81 -9.51 14.55
N LEU B 20 13.72 -8.20 14.35
CA LEU B 20 13.88 -7.63 13.03
C LEU B 20 15.35 -7.21 12.92
N SER B 21 15.88 -7.32 11.70
CA SER B 21 17.23 -6.90 11.39
C SER B 21 17.17 -5.85 10.28
N CYS B 22 18.21 -5.03 10.21
N CYS B 22 18.20 -5.04 10.17
CA CYS B 22 18.30 -3.99 9.20
CA CYS B 22 18.26 -4.00 9.16
C CYS B 22 19.77 -3.90 8.81
C CYS B 22 19.73 -3.85 8.80
N ALA B 23 20.09 -4.23 7.56
CA ALA B 23 21.47 -4.17 7.08
C ALA B 23 21.66 -2.89 6.30
N ALA B 24 22.71 -2.15 6.64
CA ALA B 24 22.98 -0.88 6.01
C ALA B 24 24.21 -0.94 5.11
N SER B 25 24.26 -0.06 4.12
CA SER B 25 25.38 0.00 3.21
C SER B 25 25.29 1.29 2.43
N GLY B 26 26.43 1.77 1.94
CA GLY B 26 26.43 2.96 1.13
C GLY B 26 26.46 4.31 1.83
N PHE B 27 26.68 4.34 3.13
CA PHE B 27 26.79 5.62 3.85
C PHE B 27 27.60 5.33 5.11
N THR B 28 28.08 6.37 5.81
CA THR B 28 28.89 6.16 7.00
C THR B 28 28.01 5.73 8.18
N PHE B 29 27.77 4.43 8.26
CA PHE B 29 26.93 3.85 9.29
C PHE B 29 27.36 4.23 10.71
N SER B 30 28.68 4.29 10.93
CA SER B 30 29.29 4.63 12.23
C SER B 30 29.05 6.08 12.65
N ASP B 31 28.72 6.90 11.67
CA ASP B 31 28.49 8.29 11.94
C ASP B 31 26.98 8.54 12.08
N ALA B 32 26.19 7.48 11.97
CA ALA B 32 24.72 7.65 11.99
C ALA B 32 23.96 7.05 13.15
N TRP B 33 22.86 7.71 13.51
CA TRP B 33 21.96 7.14 14.52
C TRP B 33 20.96 6.33 13.66
N VAL B 34 20.35 5.29 14.22
CA VAL B 34 19.38 4.50 13.45
C VAL B 34 18.04 4.39 14.19
N ASP B 35 16.93 4.55 13.46
CA ASP B 35 15.58 4.47 14.07
C ASP B 35 14.65 3.46 13.40
N TRP B 36 13.65 3.03 14.15
CA TRP B 36 12.62 2.16 13.62
C TRP B 36 11.33 2.98 13.68
N VAL B 37 10.59 2.98 12.59
CA VAL B 37 9.32 3.70 12.49
C VAL B 37 8.34 2.67 11.92
N ARG B 38 7.14 2.58 12.48
CA ARG B 38 6.21 1.60 11.94
C ARG B 38 4.98 2.28 11.41
N GLN B 39 4.22 1.55 10.61
CA GLN B 39 3.03 2.15 10.06
C GLN B 39 1.85 1.21 10.20
N SER B 40 0.75 1.73 10.74
CA SER B 40 -0.49 0.95 10.94
C SER B 40 -1.67 1.83 10.52
N PRO B 41 -2.79 1.21 10.17
CA PRO B 41 -3.96 2.00 9.75
C PRO B 41 -4.43 2.92 10.88
N GLY B 42 -4.37 2.41 12.10
CA GLY B 42 -4.81 3.17 13.25
C GLY B 42 -3.98 4.40 13.63
N LYS B 43 -2.66 4.29 13.55
CA LYS B 43 -1.83 5.41 13.96
C LYS B 43 -1.03 6.17 12.89
N GLY B 44 -0.98 5.65 11.66
CA GLY B 44 -0.21 6.29 10.60
C GLY B 44 1.27 5.95 10.83
N LEU B 45 2.17 6.89 10.57
CA LEU B 45 3.58 6.63 10.85
C LEU B 45 3.78 6.83 12.34
N GLU B 46 4.43 5.88 12.98
CA GLU B 46 4.65 5.97 14.41
C GLU B 46 6.10 5.64 14.74
N TRP B 47 6.81 6.59 15.36
CA TRP B 47 8.21 6.36 15.73
C TRP B 47 8.26 5.28 16.78
N VAL B 48 9.21 4.36 16.66
CA VAL B 48 9.29 3.25 17.62
C VAL B 48 10.50 3.27 18.57
N ALA B 49 11.69 3.48 18.03
CA ALA B 49 12.90 3.48 18.84
C ALA B 49 14.07 4.05 18.06
N GLU B 50 15.12 4.41 18.82
CA GLU B 50 16.36 4.91 18.25
C GLU B 50 17.59 4.41 19.01
N ILE B 51 18.69 4.18 18.31
CA ILE B 51 19.94 3.80 18.94
C ILE B 51 20.98 4.72 18.29
N ARG B 52 21.80 5.35 19.13
CA ARG B 52 22.81 6.30 18.63
C ARG B 52 24.10 5.60 18.30
N ASN B 53 25.08 6.35 17.78
CA ASN B 53 26.35 5.74 17.41
C ASN B 53 27.28 5.63 18.62
N LYS B 54 28.42 4.99 18.42
CA LYS B 54 29.38 4.76 19.51
C LYS B 54 29.80 6.08 20.17
N ALA B 55 30.12 7.06 19.36
CA ALA B 55 30.54 8.37 19.86
C ALA B 55 29.51 8.92 20.80
N ASN B 56 28.24 8.55 20.58
CA ASN B 56 27.17 9.03 21.46
C ASN B 56 26.71 7.94 22.41
N ASN B 57 27.66 7.09 22.80
CA ASN B 57 27.44 6.02 23.77
C ASN B 57 26.39 4.94 23.42
N HIS B 58 26.08 4.79 22.13
CA HIS B 58 25.07 3.78 21.73
C HIS B 58 23.77 3.94 22.55
N ALA B 59 23.42 5.16 22.95
CA ALA B 59 22.22 5.34 23.77
C ALA B 59 20.92 4.94 23.06
N THR B 60 19.98 4.42 23.84
CA THR B 60 18.68 3.99 23.29
C THR B 60 17.51 4.80 23.83
N LYS B 61 16.51 5.00 22.98
CA LYS B 61 15.29 5.72 23.38
C LYS B 61 14.12 4.91 22.78
N TYR B 62 12.99 4.84 23.50
CA TYR B 62 11.85 4.05 23.05
C TYR B 62 10.54 4.83 23.22
N THR B 63 9.54 4.54 22.39
CA THR B 63 8.25 5.19 22.57
C THR B 63 7.61 4.43 23.75
N GLU B 64 6.81 5.13 24.56
CA GLU B 64 6.19 4.54 25.75
C GLU B 64 5.57 3.16 25.61
N SER B 65 4.70 3.01 24.62
CA SER B 65 3.99 1.76 24.42
C SER B 65 4.84 0.52 24.19
N VAL B 66 6.12 0.67 23.87
CA VAL B 66 6.94 -0.51 23.66
C VAL B 66 8.08 -0.63 24.67
N LYS B 67 8.26 0.39 25.50
CA LYS B 67 9.32 0.36 26.51
C LYS B 67 9.19 -0.87 27.37
N GLY B 68 10.30 -1.56 27.55
CA GLY B 68 10.29 -2.76 28.37
C GLY B 68 9.96 -4.02 27.59
N ARG B 69 9.38 -3.87 26.41
CA ARG B 69 9.04 -5.04 25.60
C ARG B 69 9.99 -5.18 24.42
N PHE B 70 10.38 -4.05 23.82
CA PHE B 70 11.28 -4.06 22.64
C PHE B 70 12.69 -3.66 23.05
N THR B 71 13.68 -4.18 22.33
CA THR B 71 15.06 -3.80 22.57
C THR B 71 15.77 -3.52 21.24
N ILE B 72 16.23 -2.30 21.06
CA ILE B 72 16.96 -1.97 19.83
C ILE B 72 18.47 -2.17 20.12
N SER B 73 19.21 -2.72 19.18
CA SER B 73 20.65 -2.90 19.39
C SER B 73 21.34 -2.68 18.04
N ARG B 74 22.67 -2.65 18.02
CA ARG B 74 23.36 -2.49 16.74
C ARG B 74 24.72 -3.17 16.74
N ASP B 75 25.16 -3.55 15.56
CA ASP B 75 26.43 -4.20 15.39
C ASP B 75 27.19 -3.40 14.35
N ASP B 76 28.05 -2.52 14.81
CA ASP B 76 28.82 -1.68 13.91
C ASP B 76 29.70 -2.47 12.95
N SER B 77 30.17 -3.65 13.37
CA SER B 77 31.04 -4.43 12.49
C SER B 77 30.23 -5.03 11.34
N LYS B 78 28.92 -5.17 11.50
CA LYS B 78 28.09 -5.68 10.42
C LYS B 78 27.21 -4.57 9.81
N SER B 79 27.47 -3.32 10.19
CA SER B 79 26.67 -2.20 9.72
C SER B 79 25.19 -2.54 9.79
N SER B 80 24.72 -3.06 10.93
CA SER B 80 23.32 -3.47 11.13
C SER B 80 22.70 -3.03 12.46
N VAL B 81 21.36 -2.92 12.48
CA VAL B 81 20.62 -2.60 13.71
C VAL B 81 19.51 -3.61 13.82
N TYR B 82 19.11 -3.91 15.05
CA TYR B 82 18.10 -4.92 15.28
C TYR B 82 17.00 -4.41 16.19
N LEU B 83 15.80 -5.00 16.06
CA LEU B 83 14.71 -4.66 16.97
C LEU B 83 14.15 -5.98 17.46
N GLN B 84 14.44 -6.28 18.72
CA GLN B 84 13.96 -7.50 19.39
C GLN B 84 12.62 -7.16 20.04
N MET B 85 11.56 -7.78 19.55
CA MET B 85 10.25 -7.49 20.08
C MET B 85 9.76 -8.69 20.88
N ASN B 86 9.28 -8.45 22.09
CA ASN B 86 8.77 -9.51 22.94
C ASN B 86 7.36 -9.13 23.38
N SER B 87 6.63 -10.10 23.93
CA SER B 87 5.26 -9.84 24.41
C SER B 87 4.46 -9.09 23.35
N LEU B 88 4.56 -9.55 22.10
CA LEU B 88 3.86 -8.91 20.98
C LEU B 88 2.37 -8.85 21.16
N ARG B 89 1.79 -7.69 20.89
CA ARG B 89 0.36 -7.47 21.00
C ARG B 89 -0.19 -7.16 19.61
N ALA B 90 -1.52 -7.17 19.47
CA ALA B 90 -2.14 -6.90 18.20
C ALA B 90 -1.79 -5.49 17.73
N GLU B 91 -1.60 -4.58 18.68
CA GLU B 91 -1.28 -3.20 18.33
C GLU B 91 0.13 -3.07 17.72
N ASP B 92 0.90 -4.13 17.71
CA ASP B 92 2.27 -4.06 17.13
C ASP B 92 2.29 -4.49 15.67
N THR B 93 1.13 -4.91 15.17
CA THR B 93 1.04 -5.31 13.77
C THR B 93 1.25 -4.06 12.89
N GLY B 94 2.00 -4.21 11.81
CA GLY B 94 2.20 -3.09 10.90
C GLY B 94 3.46 -3.24 10.07
N ILE B 95 3.76 -2.26 9.24
CA ILE B 95 4.97 -2.32 8.43
C ILE B 95 6.06 -1.60 9.22
N TYR B 96 7.19 -2.27 9.42
CA TYR B 96 8.30 -1.70 10.17
C TYR B 96 9.41 -1.29 9.23
N TYR B 97 9.82 -0.05 9.34
CA TYR B 97 10.90 0.51 8.54
C TYR B 97 12.09 0.92 9.37
N CYS B 98 13.25 0.64 8.80
N CYS B 98 13.29 0.60 8.91
CA CYS B 98 14.51 1.03 9.39
CA CYS B 98 14.43 1.13 9.63
C CYS B 98 14.86 2.36 8.70
C CYS B 98 14.81 2.33 8.79
N THR B 99 15.27 3.38 9.43
CA THR B 99 15.66 4.63 8.77
C THR B 99 16.91 5.18 9.48
N SER B 100 17.84 5.76 8.73
CA SER B 100 19.05 6.27 9.38
C SER B 100 19.10 7.79 9.43
N VAL B 101 19.73 8.32 10.48
CA VAL B 101 19.88 9.75 10.68
C VAL B 101 21.38 10.08 10.70
N PRO B 102 21.98 10.38 9.53
CA PRO B 102 23.41 10.73 9.57
C PRO B 102 23.53 11.98 10.49
N GLN B 103 24.62 12.11 11.24
CA GLN B 103 24.68 13.28 12.13
C GLN B 103 25.06 14.59 11.46
N LEU B 104 25.44 14.53 10.18
CA LEU B 104 25.71 15.74 9.45
C LEU B 104 24.31 16.23 9.08
N GLY B 105 23.47 16.29 10.11
CA GLY B 105 22.09 16.73 10.04
C GLY B 105 21.30 16.61 8.76
N ARG B 106 20.34 15.69 8.75
CA ARG B 106 19.48 15.49 7.60
C ARG B 106 18.15 14.82 7.96
N GLY B 107 17.83 14.72 9.25
CA GLY B 107 16.59 14.07 9.64
C GLY B 107 16.66 12.62 9.22
N PHE B 108 15.50 11.99 8.98
CA PHE B 108 15.45 10.59 8.55
C PHE B 108 15.75 10.56 7.06
N ALA B 109 17.03 10.51 6.75
CA ALA B 109 17.52 10.58 5.37
C ALA B 109 17.29 9.38 4.47
N TYR B 110 17.47 8.18 5.02
CA TYR B 110 17.32 6.96 4.25
C TYR B 110 16.35 5.99 4.93
N TRP B 111 15.49 5.36 4.14
CA TRP B 111 14.51 4.42 4.64
C TRP B 111 14.63 3.09 3.93
N GLY B 112 14.33 2.01 4.64
CA GLY B 112 14.37 0.69 4.05
C GLY B 112 13.05 0.52 3.31
N GLN B 113 12.84 -0.65 2.73
CA GLN B 113 11.60 -0.91 2.00
C GLN B 113 10.48 -1.41 2.92
N GLY B 114 10.84 -1.71 4.17
CA GLY B 114 9.86 -2.16 5.17
C GLY B 114 9.59 -3.65 5.25
N THR B 115 9.28 -4.13 6.44
CA THR B 115 8.93 -5.53 6.60
C THR B 115 7.61 -5.57 7.38
N LEU B 116 6.66 -6.36 6.88
CA LEU B 116 5.35 -6.46 7.51
C LEU B 116 5.31 -7.45 8.67
N VAL B 117 4.88 -6.98 9.82
CA VAL B 117 4.78 -7.82 11.01
C VAL B 117 3.29 -8.03 11.28
N THR B 118 2.85 -9.28 11.32
CA THR B 118 1.44 -9.57 11.55
C THR B 118 1.34 -10.33 12.88
N VAL B 119 0.76 -9.71 13.89
CA VAL B 119 0.65 -10.43 15.19
C VAL B 119 -0.66 -11.16 15.16
N SER B 120 -0.58 -12.49 15.14
CA SER B 120 -1.81 -13.28 15.08
C SER B 120 -1.52 -14.76 15.38
N ALA B 121 -2.48 -15.45 16.00
CA ALA B 121 -2.33 -16.87 16.32
C ALA B 121 -2.82 -17.73 15.14
N ALA B 122 -3.30 -17.07 14.08
CA ALA B 122 -3.79 -17.77 12.90
C ALA B 122 -2.65 -18.55 12.20
N SER B 123 -3.00 -19.55 11.40
CA SER B 123 -1.92 -20.29 10.75
C SER B 123 -1.63 -19.81 9.33
N THR B 124 -0.40 -20.10 8.90
CA THR B 124 0.04 -19.76 7.56
C THR B 124 -0.72 -20.68 6.60
N THR B 125 -1.32 -20.09 5.58
CA THR B 125 -2.11 -20.88 4.63
C THR B 125 -1.82 -20.42 3.24
N PRO B 126 -1.55 -21.36 2.31
CA PRO B 126 -1.28 -20.93 0.93
C PRO B 126 -2.53 -20.51 0.18
N PRO B 127 -2.35 -19.70 -0.87
CA PRO B 127 -3.51 -19.27 -1.65
C PRO B 127 -3.92 -20.29 -2.70
N SER B 128 -5.14 -20.15 -3.20
CA SER B 128 -5.64 -20.94 -4.33
C SER B 128 -5.64 -19.85 -5.41
N VAL B 129 -5.17 -20.14 -6.62
CA VAL B 129 -5.14 -19.15 -7.67
C VAL B 129 -6.08 -19.54 -8.81
N TYR B 130 -7.02 -18.66 -9.14
CA TYR B 130 -8.00 -18.91 -10.19
C TYR B 130 -7.93 -17.88 -11.31
N PRO B 131 -7.89 -18.32 -12.58
CA PRO B 131 -7.84 -17.40 -13.71
C PRO B 131 -9.23 -16.82 -13.94
N LEU B 132 -9.27 -15.57 -14.40
CA LEU B 132 -10.53 -14.91 -14.72
C LEU B 132 -10.47 -14.52 -16.20
N ALA B 133 -11.19 -15.28 -17.02
CA ALA B 133 -11.23 -15.03 -18.45
C ALA B 133 -12.61 -14.52 -18.88
N PRO B 134 -12.65 -13.61 -19.85
CA PRO B 134 -13.91 -13.05 -20.34
C PRO B 134 -14.90 -14.15 -20.79
N GLY B 135 -16.19 -13.84 -20.74
CA GLY B 135 -17.21 -14.79 -21.13
C GLY B 135 -17.61 -14.77 -22.61
N SER B 136 -17.67 -13.58 -23.21
CA SER B 136 -18.04 -13.43 -24.63
C SER B 136 -16.83 -13.11 -25.51
N GLY B 137 -17.06 -13.02 -26.82
CA GLY B 137 -15.98 -12.69 -27.74
C GLY B 137 -15.48 -11.27 -27.49
N GLY B 138 -14.17 -11.07 -27.58
CA GLY B 138 -13.61 -9.75 -27.33
C GLY B 138 -13.54 -8.86 -28.56
N ALA B 139 -14.45 -7.89 -28.64
CA ALA B 139 -14.51 -6.94 -29.76
C ALA B 139 -15.92 -6.35 -29.85
N GLY B 143 -13.67 -4.21 -26.68
CA GLY B 143 -13.41 -4.68 -28.04
C GLY B 143 -11.94 -4.65 -28.44
N SER B 144 -11.41 -3.43 -28.52
CA SER B 144 -10.01 -3.18 -28.88
C SER B 144 -9.07 -3.77 -27.84
N MET B 145 -9.48 -3.65 -26.57
CA MET B 145 -8.68 -4.16 -25.46
C MET B 145 -9.48 -5.23 -24.75
N VAL B 146 -8.81 -6.07 -23.99
CA VAL B 146 -9.48 -7.12 -23.23
C VAL B 146 -8.86 -7.13 -21.81
N THR B 147 -9.71 -7.31 -20.82
CA THR B 147 -9.29 -7.35 -19.44
C THR B 147 -9.44 -8.78 -18.89
N LEU B 148 -8.34 -9.28 -18.35
CA LEU B 148 -8.27 -10.61 -17.78
C LEU B 148 -7.97 -10.39 -16.31
N GLY B 149 -8.07 -11.46 -15.53
CA GLY B 149 -7.78 -11.33 -14.12
C GLY B 149 -7.32 -12.59 -13.45
N CYS B 150 -6.88 -12.47 -12.20
N CYS B 150 -6.93 -12.42 -12.19
CA CYS B 150 -6.51 -13.64 -11.40
CA CYS B 150 -6.44 -13.47 -11.35
C CYS B 150 -7.01 -13.37 -9.98
C CYS B 150 -7.06 -13.31 -9.96
N LEU B 151 -7.68 -14.37 -9.42
CA LEU B 151 -8.24 -14.32 -8.06
C LEU B 151 -7.31 -15.17 -7.17
N VAL B 152 -6.66 -14.51 -6.20
CA VAL B 152 -5.73 -15.13 -5.26
C VAL B 152 -6.51 -15.20 -3.93
N LYS B 153 -7.00 -16.41 -3.61
CA LYS B 153 -7.90 -16.56 -2.48
C LYS B 153 -7.55 -17.52 -1.37
N GLY B 154 -7.89 -17.14 -0.14
CA GLY B 154 -7.66 -18.07 0.95
C GLY B 154 -6.27 -18.13 1.52
N TYR B 155 -5.51 -17.05 1.47
CA TYR B 155 -4.16 -17.14 2.04
C TYR B 155 -3.93 -16.33 3.30
N PHE B 156 -2.87 -16.67 4.01
CA PHE B 156 -2.51 -15.95 5.24
C PHE B 156 -1.06 -16.28 5.56
N PRO B 157 -0.27 -15.28 5.98
CA PRO B 157 -0.59 -13.86 6.15
C PRO B 157 -0.18 -13.18 4.84
N GLU B 158 -0.25 -11.85 4.83
CA GLU B 158 0.21 -11.04 3.71
C GLU B 158 1.75 -11.03 3.85
N PRO B 159 2.50 -10.71 2.78
CA PRO B 159 2.03 -10.36 1.44
C PRO B 159 2.14 -11.54 0.46
N VAL B 160 1.66 -11.30 -0.75
CA VAL B 160 1.79 -12.22 -1.89
C VAL B 160 2.27 -11.27 -2.97
N THR B 161 2.98 -11.79 -3.95
CA THR B 161 3.42 -10.92 -5.05
C THR B 161 2.77 -11.52 -6.29
N VAL B 162 2.19 -10.66 -7.13
CA VAL B 162 1.55 -11.07 -8.35
C VAL B 162 2.20 -10.34 -9.53
N THR B 163 2.55 -11.10 -10.56
CA THR B 163 3.09 -10.49 -11.77
C THR B 163 2.37 -11.20 -12.90
N TRP B 164 2.50 -10.64 -14.09
CA TRP B 164 1.89 -11.18 -15.31
C TRP B 164 2.99 -11.43 -16.35
N ASN B 165 3.01 -12.64 -16.89
CA ASN B 165 4.05 -13.05 -17.85
C ASN B 165 5.42 -12.75 -17.27
N SER B 166 5.57 -13.10 -16.00
CA SER B 166 6.80 -12.92 -15.25
C SER B 166 7.34 -11.48 -15.27
N GLY B 167 6.46 -10.49 -15.39
CA GLY B 167 6.94 -9.13 -15.40
C GLY B 167 6.90 -8.44 -16.75
N ALA B 168 6.74 -9.21 -17.82
CA ALA B 168 6.69 -8.62 -19.16
C ALA B 168 5.46 -7.70 -19.33
N LEU B 169 4.36 -8.02 -18.65
CA LEU B 169 3.15 -7.19 -18.72
C LEU B 169 2.97 -6.46 -17.40
N SER B 170 3.12 -5.14 -17.44
CA SER B 170 2.98 -4.34 -16.23
C SER B 170 2.24 -3.01 -16.39
N SER B 171 2.26 -2.39 -17.57
CA SER B 171 1.58 -1.12 -17.70
C SER B 171 0.05 -1.14 -17.62
N GLY B 172 -0.56 -2.27 -18.00
CA GLY B 172 -2.03 -2.34 -17.96
C GLY B 172 -2.51 -3.15 -16.77
N VAL B 173 -1.66 -3.25 -15.76
CA VAL B 173 -1.97 -4.05 -14.59
C VAL B 173 -2.49 -3.27 -13.39
N HIS B 174 -3.46 -3.86 -12.71
CA HIS B 174 -4.00 -3.32 -11.46
C HIS B 174 -4.07 -4.49 -10.45
N THR B 175 -3.19 -4.51 -9.45
CA THR B 175 -3.23 -5.52 -8.43
C THR B 175 -3.84 -4.80 -7.25
N PHE B 176 -5.02 -5.25 -6.83
CA PHE B 176 -5.75 -4.60 -5.77
C PHE B 176 -5.36 -5.00 -4.33
N PRO B 177 -5.55 -4.08 -3.37
CA PRO B 177 -5.20 -4.41 -1.97
C PRO B 177 -5.99 -5.65 -1.60
N ALA B 178 -5.38 -6.51 -0.78
CA ALA B 178 -6.04 -7.74 -0.36
C ALA B 178 -7.15 -7.43 0.66
N VAL B 179 -8.17 -8.27 0.70
CA VAL B 179 -9.28 -8.08 1.64
C VAL B 179 -9.25 -9.25 2.60
N LEU B 180 -9.25 -8.94 3.89
CA LEU B 180 -9.23 -9.95 4.95
C LEU B 180 -10.66 -10.29 5.31
N GLN B 181 -10.97 -11.58 5.23
CA GLN B 181 -12.30 -12.10 5.51
C GLN B 181 -12.30 -12.85 6.85
N SER B 182 -12.46 -14.17 6.78
CA SER B 182 -12.51 -14.98 7.99
C SER B 182 -11.12 -15.52 8.31
N ASP B 183 -10.21 -14.65 8.72
CA ASP B 183 -8.82 -15.01 9.02
C ASP B 183 -8.04 -15.32 7.73
N LEU B 184 -8.64 -14.96 6.60
CA LEU B 184 -8.01 -15.23 5.31
C LEU B 184 -8.13 -14.05 4.32
N TYR B 185 -7.08 -13.86 3.54
CA TYR B 185 -7.06 -12.78 2.57
C TYR B 185 -7.51 -13.27 1.20
N THR B 186 -8.12 -12.37 0.46
CA THR B 186 -8.56 -12.64 -0.91
C THR B 186 -8.12 -11.40 -1.68
N LEU B 187 -7.42 -11.59 -2.78
CA LEU B 187 -6.91 -10.48 -3.58
C LEU B 187 -7.20 -10.73 -5.05
N SER B 188 -7.40 -9.64 -5.80
CA SER B 188 -7.68 -9.69 -7.21
C SER B 188 -6.58 -8.92 -7.91
N SER B 189 -6.23 -9.37 -9.11
CA SER B 189 -5.27 -8.65 -9.96
C SER B 189 -5.85 -8.68 -11.37
N SER B 190 -5.84 -7.55 -12.08
CA SER B 190 -6.37 -7.56 -13.44
C SER B 190 -5.29 -7.06 -14.40
N VAL B 191 -5.37 -7.47 -15.66
CA VAL B 191 -4.44 -7.00 -16.67
C VAL B 191 -5.30 -6.75 -17.89
N THR B 192 -4.98 -5.66 -18.58
CA THR B 192 -5.73 -5.23 -19.74
C THR B 192 -4.76 -5.19 -20.91
N VAL B 193 -5.05 -5.95 -21.97
CA VAL B 193 -4.15 -6.00 -23.12
C VAL B 193 -4.92 -5.87 -24.41
N PRO B 194 -4.22 -5.61 -25.54
CA PRO B 194 -4.90 -5.50 -26.84
C PRO B 194 -5.58 -6.84 -27.12
N SER B 195 -6.71 -6.81 -27.82
CA SER B 195 -7.38 -8.06 -28.17
C SER B 195 -6.49 -8.80 -29.17
N SER B 196 -5.51 -8.09 -29.69
CA SER B 196 -4.56 -8.68 -30.64
C SER B 196 -3.45 -9.43 -29.89
N THR B 197 -3.42 -9.28 -28.56
CA THR B 197 -2.41 -9.95 -27.75
C THR B 197 -2.95 -11.28 -27.21
N TRP B 198 -4.12 -11.26 -26.58
CA TRP B 198 -4.76 -12.46 -26.00
C TRP B 198 -6.07 -12.71 -26.78
N PRO B 199 -6.45 -13.98 -27.02
CA PRO B 199 -5.88 -15.29 -26.68
C PRO B 199 -4.70 -15.81 -27.53
N SER B 200 -4.26 -15.04 -28.53
CA SER B 200 -3.15 -15.50 -29.37
C SER B 200 -1.91 -15.84 -28.57
N GLN B 201 -1.44 -14.89 -27.76
CA GLN B 201 -0.27 -15.09 -26.92
C GLN B 201 -0.68 -15.56 -25.53
N THR B 202 0.16 -16.38 -24.92
CA THR B 202 -0.13 -16.90 -23.59
C THR B 202 -0.01 -15.79 -22.55
N VAL B 203 -0.99 -15.69 -21.67
CA VAL B 203 -0.98 -14.66 -20.61
C VAL B 203 -1.14 -15.47 -19.33
N THR B 204 -0.17 -15.30 -18.44
CA THR B 204 -0.11 -16.05 -17.20
C THR B 204 0.10 -15.17 -15.98
N CYS B 205 -0.64 -15.42 -14.91
N CYS B 205 -0.61 -15.51 -14.92
CA CYS B 205 -0.40 -14.63 -13.71
CA CYS B 205 -0.56 -14.82 -13.63
C CYS B 205 0.49 -15.52 -12.86
C CYS B 205 0.47 -15.59 -12.79
N ASN B 206 1.51 -14.93 -12.30
CA ASN B 206 2.48 -15.63 -11.47
C ASN B 206 2.25 -15.14 -10.04
N VAL B 207 1.91 -16.07 -9.14
CA VAL B 207 1.64 -15.70 -7.76
C VAL B 207 2.67 -16.33 -6.84
N ALA B 208 3.24 -15.55 -5.91
CA ALA B 208 4.17 -16.13 -4.95
C ALA B 208 3.69 -15.72 -3.57
N HIS B 209 3.74 -16.65 -2.63
CA HIS B 209 3.34 -16.37 -1.24
C HIS B 209 4.56 -16.78 -0.43
N PRO B 210 5.44 -15.81 -0.12
CA PRO B 210 6.65 -16.10 0.64
C PRO B 210 6.43 -16.86 1.93
N ALA B 211 5.41 -16.49 2.68
CA ALA B 211 5.17 -17.12 3.97
C ALA B 211 5.01 -18.65 3.88
N SER B 212 4.42 -19.16 2.82
CA SER B 212 4.24 -20.61 2.70
C SER B 212 5.14 -21.19 1.62
N SER B 213 6.01 -20.36 1.06
CA SER B 213 6.88 -20.80 -0.03
C SER B 213 6.10 -21.38 -1.21
N THR B 214 4.91 -20.88 -1.42
CA THR B 214 4.06 -21.31 -2.52
C THR B 214 4.34 -20.45 -3.76
N GLN B 215 4.28 -21.09 -4.93
CA GLN B 215 4.46 -20.41 -6.21
C GLN B 215 3.54 -21.12 -7.19
N VAL B 216 2.75 -20.31 -7.89
CA VAL B 216 1.78 -20.81 -8.84
C VAL B 216 1.72 -19.97 -10.11
N ASP B 217 1.75 -20.64 -11.25
CA ASP B 217 1.59 -19.96 -12.52
C ASP B 217 0.27 -20.51 -13.07
N LYS B 218 -0.66 -19.62 -13.41
CA LYS B 218 -1.94 -20.03 -13.98
C LYS B 218 -2.15 -19.28 -15.26
N LYS B 219 -2.49 -20.03 -16.31
CA LYS B 219 -2.73 -19.45 -17.63
C LYS B 219 -4.18 -19.05 -17.76
N ILE B 220 -4.43 -17.88 -18.35
CA ILE B 220 -5.82 -17.46 -18.52
C ILE B 220 -6.27 -18.04 -19.86
N VAL B 221 -7.23 -18.97 -19.80
CA VAL B 221 -7.70 -19.61 -21.02
C VAL B 221 -9.10 -19.13 -21.34
N PRO B 222 -9.41 -18.94 -22.63
CA PRO B 222 -10.77 -18.48 -23.03
C PRO B 222 -11.76 -19.56 -22.60
N LYS B 223 -12.90 -19.16 -22.06
CA LYS B 223 -13.88 -20.16 -21.62
C LYS B 223 -14.98 -20.42 -22.64
#